data_3GON
#
_entry.id   3GON
#
_cell.length_a   68.977
_cell.length_b   115.285
_cell.length_c   39.960
_cell.angle_alpha   90.00
_cell.angle_beta   90.00
_cell.angle_gamma   90.00
#
_symmetry.space_group_name_H-M   'P 21 21 2'
#
loop_
_entity.id
_entity.type
_entity.pdbx_description
1 polymer 'Phosphomevalonate kinase'
2 non-polymer '(3R)-3-HYDROXY-3-METHYL-5-(PHOSPHONOOXY)PENTANOIC ACID'
3 non-polymer 'PHOSPHOAMINOPHOSPHONIC ACID-ADENYLATE ESTER'
4 non-polymer 'MAGNESIUM ION'
5 water water
#
_entity_poly.entity_id   1
_entity_poly.type   'polypeptide(L)'
_entity_poly.pdbx_seq_one_letter_code
;MIAVKTCGKLYWAGEYAILEPGQLALIKDIPIYMRAEIAFSDSYRIYSDMFDFAVDLRPNPDYSLIQETIALMGDFLAVR
GQNLRPFSLAIYGKMEREGKKFGLGSSGSVVVLVVKALLALYNLSVDQNLLFKLTSAVLLKRGDNGSMGDLACIAAEDLV
LYQSFDRQKVAAWLEEENLATVLERDWGFSISQVKPTLECDFLVGWTKEVAVSSHMVQQIKQNINQNFLTSSKETVVSLV
EALEQGKSEKIIEQVEVASKLLEGLSTDIYTPLLRQLKEASQDLQAVAKSSGAGGGDCGIALSFDAQSTKTLKNRWADLG
IELLYQERIGHDDKS
;
_entity_poly.pdbx_strand_id   A
#
loop_
_chem_comp.id
_chem_comp.type
_chem_comp.name
_chem_comp.formula
ANP non-polymer 'PHOSPHOAMINOPHOSPHONIC ACID-ADENYLATE ESTER' 'C10 H17 N6 O12 P3'
MG non-polymer 'MAGNESIUM ION' 'Mg 2'
PMV non-polymer '(3R)-3-HYDROXY-3-METHYL-5-(PHOSPHONOOXY)PENTANOIC ACID' 'C6 H13 O7 P'
#
# COMPACT_ATOMS: atom_id res chain seq x y z
N MET A 1 9.06 -17.90 20.92
CA MET A 1 8.91 -16.96 19.76
C MET A 1 7.48 -16.46 19.58
N ILE A 2 7.35 -15.24 19.08
CA ILE A 2 6.05 -14.65 18.80
C ILE A 2 6.04 -14.38 17.31
N ALA A 3 4.94 -14.70 16.66
CA ALA A 3 4.83 -14.49 15.22
C ALA A 3 3.74 -13.49 14.90
N VAL A 4 4.00 -12.63 13.93
CA VAL A 4 3.03 -11.64 13.49
C VAL A 4 3.00 -11.68 11.97
N LYS A 5 2.00 -11.02 11.37
CA LYS A 5 1.91 -10.96 9.92
C LYS A 5 1.24 -9.66 9.49
N THR A 6 1.51 -9.25 8.26
CA THR A 6 0.94 -8.04 7.70
C THR A 6 0.50 -8.33 6.27
N CYS A 7 -0.58 -7.71 5.84
CA CYS A 7 -1.11 -7.91 4.48
C CYS A 7 -0.45 -7.00 3.45
N GLY A 8 -0.97 -7.06 2.22
CA GLY A 8 -0.44 -6.24 1.14
C GLY A 8 -1.52 -5.23 0.78
N LYS A 9 -1.30 -4.44 -0.27
CA LYS A 9 -2.29 -3.44 -0.67
C LYS A 9 -2.30 -3.15 -2.17
N LEU A 10 -3.44 -2.68 -2.65
CA LEU A 10 -3.60 -2.29 -4.05
C LEU A 10 -4.58 -1.11 -4.18
N TYR A 11 -4.09 -0.01 -4.75
CA TYR A 11 -4.94 1.15 -4.94
C TYR A 11 -6.06 0.85 -5.92
N TRP A 12 -7.25 1.38 -5.63
CA TRP A 12 -8.37 1.22 -6.54
C TRP A 12 -8.54 2.55 -7.26
N ALA A 13 -8.29 3.65 -6.55
CA ALA A 13 -8.40 4.99 -7.14
C ALA A 13 -7.70 6.02 -6.28
N GLY A 14 -7.30 7.13 -6.91
CA GLY A 14 -6.62 8.20 -6.19
C GLY A 14 -5.11 8.24 -6.34
N GLU A 15 -4.54 7.32 -7.11
CA GLU A 15 -3.10 7.27 -7.31
C GLU A 15 -2.56 8.61 -7.82
N TYR A 16 -1.34 8.94 -7.38
CA TYR A 16 -0.65 10.18 -7.71
C TYR A 16 -1.26 11.41 -7.05
N ALA A 17 -2.57 11.60 -7.21
CA ALA A 17 -3.22 12.75 -6.60
C ALA A 17 -3.01 12.69 -5.09
N ILE A 18 -3.03 11.48 -4.54
CA ILE A 18 -2.88 11.26 -3.10
C ILE A 18 -1.56 11.80 -2.53
N LEU A 19 -0.60 12.09 -3.41
CA LEU A 19 0.68 12.63 -2.98
C LEU A 19 0.53 14.06 -2.42
N GLU A 20 -0.50 14.76 -2.86
CA GLU A 20 -0.76 16.11 -2.38
C GLU A 20 -1.57 16.00 -1.10
N PRO A 21 -1.19 16.77 -0.06
CA PRO A 21 -1.89 16.74 1.22
C PRO A 21 -3.38 17.05 1.10
N GLY A 22 -4.20 16.29 1.83
CA GLY A 22 -5.64 16.53 1.80
C GLY A 22 -6.39 15.78 0.72
N GLN A 23 -5.67 15.07 -0.14
CA GLN A 23 -6.30 14.33 -1.22
C GLN A 23 -6.88 13.01 -0.73
N LEU A 24 -7.62 12.34 -1.61
CA LEU A 24 -8.27 11.08 -1.24
C LEU A 24 -7.86 9.92 -2.12
N ALA A 25 -7.84 8.72 -1.53
CA ALA A 25 -7.51 7.51 -2.27
C ALA A 25 -8.31 6.35 -1.68
N LEU A 26 -8.70 5.41 -2.54
CA LEU A 26 -9.45 4.23 -2.10
C LEU A 26 -8.45 3.10 -2.27
N ILE A 27 -8.08 2.47 -1.15
CA ILE A 27 -7.07 1.44 -1.16
C ILE A 27 -7.58 0.12 -0.57
N LYS A 28 -7.35 -0.97 -1.30
CA LYS A 28 -7.81 -2.29 -0.90
C LYS A 28 -6.73 -3.21 -0.30
N ASP A 29 -7.06 -3.86 0.82
CA ASP A 29 -6.13 -4.78 1.45
C ASP A 29 -6.10 -6.10 0.69
N ILE A 30 -4.92 -6.71 0.62
CA ILE A 30 -4.76 -7.99 -0.08
C ILE A 30 -4.23 -8.99 0.93
N PRO A 31 -4.98 -10.07 1.19
CA PRO A 31 -4.49 -11.05 2.17
C PRO A 31 -3.41 -12.00 1.68
N ILE A 32 -2.29 -11.43 1.24
CA ILE A 32 -1.11 -12.18 0.85
C ILE A 32 -0.19 -11.56 1.88
N TYR A 33 0.36 -12.41 2.74
CA TYR A 33 1.12 -11.94 3.88
C TYR A 33 2.63 -11.98 3.97
N MET A 34 3.17 -10.95 4.62
CA MET A 34 4.59 -10.89 4.95
C MET A 34 4.49 -11.40 6.39
N ARG A 35 5.42 -12.24 6.81
CA ARG A 35 5.36 -12.79 8.16
C ARG A 35 6.67 -12.60 8.92
N ALA A 36 6.58 -12.55 10.24
CA ALA A 36 7.77 -12.37 11.06
C ALA A 36 7.75 -13.23 12.32
N GLU A 37 8.94 -13.60 12.77
CA GLU A 37 9.11 -14.37 13.99
C GLU A 37 10.11 -13.57 14.79
N ILE A 38 9.83 -13.37 16.07
CA ILE A 38 10.72 -12.58 16.88
C ILE A 38 10.84 -13.18 18.29
N ALA A 39 12.03 -13.07 18.86
CA ALA A 39 12.28 -13.59 20.20
C ALA A 39 13.51 -12.91 20.77
N PHE A 40 13.57 -12.76 22.08
CA PHE A 40 14.73 -12.16 22.69
C PHE A 40 15.88 -13.18 22.51
N SER A 41 17.11 -12.68 22.39
CA SER A 41 18.27 -13.55 22.21
C SER A 41 19.48 -12.86 22.84
N ASP A 42 20.68 -13.40 22.60
CA ASP A 42 21.86 -12.77 23.20
C ASP A 42 22.59 -11.78 22.32
N SER A 43 22.16 -11.65 21.07
CA SER A 43 22.73 -10.67 20.15
C SER A 43 21.64 -10.36 19.12
N TYR A 44 21.74 -9.19 18.48
CA TYR A 44 20.74 -8.81 17.49
C TYR A 44 20.98 -9.53 16.16
N ARG A 45 19.97 -10.22 15.66
CA ARG A 45 20.10 -10.91 14.38
C ARG A 45 18.82 -10.64 13.61
N ILE A 46 18.98 -10.22 12.36
CA ILE A 46 17.84 -9.91 11.52
C ILE A 46 18.01 -10.59 10.18
N TYR A 47 17.00 -11.36 9.78
CA TYR A 47 17.06 -12.03 8.49
C TYR A 47 15.75 -11.90 7.74
N SER A 48 15.84 -11.51 6.47
CA SER A 48 14.66 -11.38 5.61
C SER A 48 14.92 -12.28 4.42
N ASP A 49 13.95 -13.10 4.03
CA ASP A 49 14.20 -14.00 2.91
C ASP A 49 14.33 -13.32 1.56
N MET A 50 14.31 -11.99 1.56
CA MET A 50 14.50 -11.25 0.32
C MET A 50 15.99 -11.28 0.00
N PHE A 51 16.80 -11.59 1.02
CA PHE A 51 18.26 -11.62 0.87
C PHE A 51 18.86 -12.99 1.21
N ASP A 52 20.17 -13.14 0.98
CA ASP A 52 20.82 -14.42 1.28
C ASP A 52 21.84 -14.31 2.43
N PHE A 53 21.64 -13.34 3.32
CA PHE A 53 22.51 -13.14 4.47
C PHE A 53 21.74 -12.38 5.54
N ALA A 54 22.18 -12.52 6.80
CA ALA A 54 21.54 -11.84 7.93
C ALA A 54 22.51 -10.76 8.41
N VAL A 55 22.00 -9.83 9.20
CA VAL A 55 22.81 -8.74 9.73
C VAL A 55 22.41 -8.52 11.18
N ASP A 56 23.13 -7.64 11.87
CA ASP A 56 22.77 -7.30 13.24
C ASP A 56 22.32 -5.84 13.13
N LEU A 57 22.52 -5.03 14.16
CA LEU A 57 22.09 -3.63 14.06
C LEU A 57 23.05 -2.69 13.35
N ARG A 58 24.26 -3.15 13.04
CA ARG A 58 25.20 -2.31 12.34
C ARG A 58 24.67 -2.07 10.94
N PRO A 59 24.56 -0.80 10.54
CA PRO A 59 24.03 -0.39 9.23
C PRO A 59 24.42 -1.23 8.02
N ASN A 60 23.41 -1.59 7.24
CA ASN A 60 23.59 -2.34 6.01
C ASN A 60 22.51 -1.83 5.06
N PRO A 61 22.89 -1.45 3.82
CA PRO A 61 21.92 -0.92 2.87
C PRO A 61 20.72 -1.82 2.53
N ASP A 62 20.94 -3.11 2.33
CA ASP A 62 19.84 -4.03 2.03
C ASP A 62 18.80 -3.96 3.13
N TYR A 63 19.27 -3.93 4.38
CA TYR A 63 18.40 -3.93 5.55
C TYR A 63 18.08 -2.58 6.18
N SER A 64 18.51 -1.49 5.55
CA SER A 64 18.29 -0.18 6.12
C SER A 64 16.84 0.15 6.51
N LEU A 65 15.88 -0.24 5.69
CA LEU A 65 14.49 0.05 6.03
C LEU A 65 14.07 -0.64 7.33
N ILE A 66 14.47 -1.90 7.46
CA ILE A 66 14.15 -2.68 8.65
C ILE A 66 14.91 -2.14 9.86
N GLN A 67 16.19 -1.82 9.67
CA GLN A 67 16.99 -1.31 10.78
C GLN A 67 16.50 0.06 11.25
N GLU A 68 16.08 0.89 10.31
CA GLU A 68 15.56 2.22 10.65
C GLU A 68 14.25 2.08 11.42
N THR A 69 13.48 1.05 11.09
CA THR A 69 12.20 0.83 11.76
C THR A 69 12.49 0.43 13.20
N ILE A 70 13.46 -0.46 13.39
CA ILE A 70 13.86 -0.90 14.72
C ILE A 70 14.36 0.29 15.52
N ALA A 71 15.11 1.16 14.87
CA ALA A 71 15.65 2.34 15.55
C ALA A 71 14.53 3.24 16.04
N LEU A 72 13.55 3.51 15.18
CA LEU A 72 12.43 4.35 15.60
C LEU A 72 11.70 3.69 16.75
N MET A 73 11.51 2.38 16.67
CA MET A 73 10.80 1.68 17.73
C MET A 73 11.59 1.73 19.03
N GLY A 74 12.91 1.81 18.93
CA GLY A 74 13.72 1.92 20.14
C GLY A 74 13.32 3.20 20.86
N ASP A 75 13.08 4.25 20.09
CA ASP A 75 12.67 5.50 20.69
C ASP A 75 11.26 5.41 21.27
N PHE A 76 10.34 4.76 20.55
CA PHE A 76 8.97 4.60 21.01
C PHE A 76 8.96 3.84 22.33
N LEU A 77 9.62 2.69 22.35
CA LEU A 77 9.68 1.89 23.56
C LEU A 77 10.22 2.71 24.73
N ALA A 78 11.19 3.58 24.45
CA ALA A 78 11.76 4.42 25.50
C ALA A 78 10.67 5.31 26.09
N VAL A 79 9.88 5.92 25.20
CA VAL A 79 8.77 6.77 25.62
C VAL A 79 7.86 5.99 26.54
N ARG A 80 7.67 4.72 26.21
CA ARG A 80 6.81 3.86 27.00
C ARG A 80 7.55 3.16 28.15
N GLY A 81 8.73 3.69 28.50
CA GLY A 81 9.50 3.14 29.60
C GLY A 81 10.22 1.81 29.37
N GLN A 82 10.35 1.40 28.11
CA GLN A 82 11.02 0.14 27.81
C GLN A 82 12.32 0.37 27.02
N ASN A 83 13.30 -0.51 27.25
CA ASN A 83 14.59 -0.42 26.57
C ASN A 83 14.76 -1.55 25.57
N LEU A 84 15.25 -1.22 24.38
CA LEU A 84 15.46 -2.23 23.35
C LEU A 84 16.52 -3.20 23.87
N ARG A 85 16.29 -4.49 23.65
CA ARG A 85 17.22 -5.55 24.05
C ARG A 85 17.44 -6.46 22.86
N PRO A 86 18.58 -7.17 22.82
CA PRO A 86 18.86 -8.08 21.70
C PRO A 86 17.71 -9.04 21.41
N PHE A 87 17.37 -9.15 20.13
CA PHE A 87 16.32 -10.05 19.70
C PHE A 87 16.71 -10.62 18.35
N SER A 88 16.13 -11.75 18.00
CA SER A 88 16.37 -12.36 16.72
C SER A 88 15.06 -12.15 15.97
N LEU A 89 15.16 -11.63 14.75
CA LEU A 89 13.98 -11.36 13.95
C LEU A 89 14.09 -12.01 12.58
N ALA A 90 13.07 -12.78 12.21
CA ALA A 90 13.05 -13.44 10.90
C ALA A 90 11.84 -12.93 10.14
N ILE A 91 12.07 -12.50 8.91
CA ILE A 91 11.02 -11.97 8.05
C ILE A 91 10.94 -12.84 6.79
N TYR A 92 9.76 -13.36 6.51
CA TYR A 92 9.63 -14.21 5.32
C TYR A 92 8.29 -14.01 4.64
N GLY A 93 8.17 -14.59 3.46
CA GLY A 93 6.94 -14.47 2.70
C GLY A 93 7.04 -13.29 1.75
N LYS A 94 8.26 -13.03 1.28
CA LYS A 94 8.52 -11.92 0.35
C LYS A 94 7.52 -11.92 -0.77
N MET A 95 6.84 -10.79 -0.94
CA MET A 95 5.81 -10.63 -1.96
C MET A 95 6.40 -10.51 -3.36
N GLU A 96 7.14 -11.55 -3.77
CA GLU A 96 7.76 -11.59 -5.07
C GLU A 96 7.77 -13.05 -5.53
N ARG A 97 7.95 -13.25 -6.83
CA ARG A 97 7.99 -14.58 -7.41
C ARG A 97 8.99 -14.52 -8.56
N GLU A 98 9.92 -15.47 -8.58
CA GLU A 98 10.94 -15.51 -9.63
C GLU A 98 11.74 -14.22 -9.63
N GLY A 99 12.03 -13.71 -8.43
CA GLY A 99 12.79 -12.49 -8.28
C GLY A 99 12.08 -11.18 -8.57
N LYS A 100 10.82 -11.27 -9.02
CA LYS A 100 10.04 -10.07 -9.35
C LYS A 100 8.93 -9.79 -8.33
N LYS A 101 8.95 -8.59 -7.76
CA LYS A 101 7.92 -8.19 -6.80
C LYS A 101 6.57 -8.13 -7.51
N PHE A 102 5.48 -8.36 -6.78
CA PHE A 102 4.15 -8.32 -7.37
C PHE A 102 3.65 -6.88 -7.51
N GLY A 103 3.95 -6.07 -6.50
CA GLY A 103 3.51 -4.68 -6.49
C GLY A 103 2.51 -4.45 -5.38
N LEU A 104 2.48 -5.37 -4.41
CA LEU A 104 1.54 -5.33 -3.28
C LEU A 104 1.94 -4.43 -2.10
N GLY A 105 2.98 -3.61 -2.28
CA GLY A 105 3.38 -2.72 -1.20
C GLY A 105 4.25 -3.35 -0.13
N SER A 106 5.21 -4.18 -0.55
CA SER A 106 6.10 -4.84 0.38
C SER A 106 6.90 -3.88 1.26
N SER A 107 7.27 -2.73 0.72
CA SER A 107 8.03 -1.74 1.49
C SER A 107 7.20 -1.33 2.70
N GLY A 108 5.96 -0.95 2.46
CA GLY A 108 5.10 -0.55 3.56
C GLY A 108 4.76 -1.72 4.48
N SER A 109 4.54 -2.88 3.91
CA SER A 109 4.18 -4.03 4.73
C SER A 109 5.28 -4.41 5.72
N VAL A 110 6.54 -4.39 5.27
CA VAL A 110 7.65 -4.76 6.16
C VAL A 110 7.82 -3.77 7.31
N VAL A 111 7.50 -2.50 7.08
CA VAL A 111 7.62 -1.52 8.17
C VAL A 111 6.54 -1.80 9.20
N VAL A 112 5.32 -2.03 8.73
CA VAL A 112 4.23 -2.33 9.67
C VAL A 112 4.56 -3.62 10.40
N LEU A 113 5.10 -4.59 9.65
CA LEU A 113 5.46 -5.90 10.18
C LEU A 113 6.45 -5.81 11.34
N VAL A 114 7.51 -5.03 11.15
CA VAL A 114 8.54 -4.88 12.18
C VAL A 114 7.99 -4.13 13.39
N VAL A 115 7.17 -3.12 13.15
CA VAL A 115 6.56 -2.39 14.25
C VAL A 115 5.67 -3.38 15.03
N LYS A 116 4.87 -4.16 14.31
CA LYS A 116 3.99 -5.15 14.94
C LYS A 116 4.79 -6.17 15.77
N ALA A 117 5.91 -6.61 15.22
CA ALA A 117 6.76 -7.60 15.89
C ALA A 117 7.33 -7.09 17.20
N LEU A 118 7.90 -5.88 17.18
CA LEU A 118 8.46 -5.31 18.39
C LEU A 118 7.37 -5.02 19.42
N LEU A 119 6.21 -4.56 18.97
CA LEU A 119 5.11 -4.27 19.91
C LEU A 119 4.69 -5.56 20.61
N ALA A 120 4.52 -6.64 19.84
CA ALA A 120 4.12 -7.92 20.38
C ALA A 120 5.18 -8.46 21.35
N LEU A 121 6.45 -8.34 20.95
CA LEU A 121 7.55 -8.80 21.78
C LEU A 121 7.59 -8.06 23.11
N TYR A 122 7.17 -6.80 23.10
CA TYR A 122 7.18 -6.01 24.32
C TYR A 122 5.83 -5.91 25.01
N ASN A 123 4.88 -6.73 24.57
CA ASN A 123 3.55 -6.76 25.18
C ASN A 123 2.85 -5.40 25.17
N LEU A 124 3.00 -4.68 24.07
CA LEU A 124 2.38 -3.37 23.91
C LEU A 124 1.46 -3.35 22.71
N SER A 125 0.42 -2.53 22.77
CA SER A 125 -0.48 -2.41 21.63
C SER A 125 -0.73 -0.92 21.38
N VAL A 126 -1.11 -0.60 20.14
CA VAL A 126 -1.38 0.77 19.75
C VAL A 126 -2.60 0.71 18.87
N ASP A 127 -3.38 1.79 18.80
CA ASP A 127 -4.56 1.75 17.95
C ASP A 127 -4.14 1.99 16.51
N GLN A 128 -5.10 1.88 15.60
CA GLN A 128 -4.87 2.05 14.18
C GLN A 128 -4.11 3.32 13.77
N ASN A 129 -4.54 4.47 14.27
CA ASN A 129 -3.89 5.72 13.90
C ASN A 129 -2.45 5.82 14.41
N LEU A 130 -2.19 5.26 15.60
CA LEU A 130 -0.84 5.31 16.14
C LEU A 130 0.08 4.38 15.35
N LEU A 131 -0.45 3.23 14.95
CA LEU A 131 0.34 2.28 14.16
C LEU A 131 0.74 2.96 12.86
N PHE A 132 -0.22 3.67 12.26
CA PHE A 132 0.02 4.38 11.02
C PHE A 132 1.07 5.48 11.23
N LYS A 133 0.98 6.19 12.36
CA LYS A 133 1.95 7.25 12.65
C LYS A 133 3.34 6.69 12.89
N LEU A 134 3.44 5.59 13.63
CA LEU A 134 4.74 4.99 13.91
C LEU A 134 5.43 4.52 12.64
N THR A 135 4.68 3.82 11.79
CA THR A 135 5.24 3.32 10.54
C THR A 135 5.52 4.48 9.59
N SER A 136 4.63 5.46 9.55
CA SER A 136 4.84 6.62 8.69
C SER A 136 6.10 7.39 9.10
N ALA A 137 6.34 7.52 10.40
CA ALA A 137 7.52 8.23 10.88
C ALA A 137 8.80 7.66 10.27
N VAL A 138 8.86 6.34 10.13
CA VAL A 138 10.05 5.72 9.55
C VAL A 138 10.31 6.25 8.15
N LEU A 139 9.27 6.19 7.31
CA LEU A 139 9.39 6.64 5.94
C LEU A 139 9.64 8.14 5.85
N LEU A 140 8.99 8.90 6.73
CA LEU A 140 9.18 10.35 6.73
C LEU A 140 10.62 10.70 7.06
N LYS A 141 11.18 10.04 8.07
CA LYS A 141 12.56 10.31 8.47
C LYS A 141 13.59 10.00 7.40
N ARG A 142 13.30 9.03 6.52
CA ARG A 142 14.26 8.70 5.48
C ARG A 142 13.94 9.44 4.19
N GLY A 143 13.03 10.40 4.27
CA GLY A 143 12.67 11.22 3.12
C GLY A 143 11.96 10.52 1.98
N ASP A 144 11.09 9.55 2.31
CA ASP A 144 10.34 8.78 1.32
C ASP A 144 9.41 9.68 0.49
N ASN A 145 9.27 9.39 -0.80
CA ASN A 145 8.39 10.21 -1.66
C ASN A 145 6.98 9.68 -1.82
N GLY A 146 6.57 8.78 -0.93
CA GLY A 146 5.24 8.20 -1.03
C GLY A 146 4.17 8.92 -0.20
N SER A 147 2.91 8.58 -0.44
CA SER A 147 1.79 9.19 0.25
C SER A 147 1.45 8.55 1.60
N MET A 148 2.02 7.37 1.86
CA MET A 148 1.78 6.61 3.10
C MET A 148 0.47 5.84 3.00
N GLY A 149 -0.19 5.94 1.85
CA GLY A 149 -1.44 5.23 1.65
C GLY A 149 -1.31 3.74 1.85
N ASP A 150 -0.17 3.17 1.47
CA ASP A 150 0.01 1.73 1.65
C ASP A 150 0.00 1.38 3.13
N LEU A 151 0.61 2.23 3.95
CA LEU A 151 0.63 2.02 5.39
C LEU A 151 -0.78 2.15 5.97
N ALA A 152 -1.55 3.10 5.45
CA ALA A 152 -2.92 3.28 5.93
C ALA A 152 -3.76 2.01 5.73
N CYS A 153 -3.68 1.45 4.52
CA CYS A 153 -4.42 0.24 4.16
C CYS A 153 -3.96 -1.00 4.92
N ILE A 154 -2.64 -1.22 4.96
CA ILE A 154 -2.10 -2.37 5.64
C ILE A 154 -2.32 -2.31 7.15
N ALA A 155 -2.29 -1.10 7.71
CA ALA A 155 -2.51 -0.91 9.13
C ALA A 155 -3.95 -1.30 9.46
N ALA A 156 -4.87 -0.89 8.59
CA ALA A 156 -6.29 -1.16 8.80
C ALA A 156 -6.73 -2.55 8.34
N GLU A 157 -5.99 -3.11 7.37
CA GLU A 157 -6.29 -4.39 6.75
C GLU A 157 -7.77 -4.40 6.36
N ASP A 158 -8.14 -3.43 5.55
CA ASP A 158 -9.51 -3.28 5.09
C ASP A 158 -9.51 -2.40 3.84
N LEU A 159 -10.68 -2.29 3.20
CA LEU A 159 -10.80 -1.42 2.03
C LEU A 159 -10.97 -0.07 2.72
N VAL A 160 -10.03 0.83 2.51
CA VAL A 160 -10.09 2.12 3.18
C VAL A 160 -10.12 3.35 2.29
N LEU A 161 -10.73 4.41 2.83
CA LEU A 161 -10.76 5.70 2.17
C LEU A 161 -9.69 6.41 2.98
N TYR A 162 -8.61 6.80 2.31
CA TYR A 162 -7.51 7.46 2.99
C TYR A 162 -7.38 8.91 2.55
N GLN A 163 -7.23 9.80 3.52
CA GLN A 163 -7.03 11.22 3.24
C GLN A 163 -5.59 11.50 3.66
N SER A 164 -4.76 11.87 2.71
CA SER A 164 -3.35 12.14 2.98
C SER A 164 -3.08 13.38 3.82
N PHE A 165 -1.94 13.37 4.49
CA PHE A 165 -1.52 14.49 5.32
C PHE A 165 -0.30 15.12 4.68
N ASP A 166 0.17 16.24 5.23
CA ASP A 166 1.34 16.92 4.68
C ASP A 166 2.60 16.26 5.23
N ARG A 167 3.22 15.43 4.39
CA ARG A 167 4.41 14.70 4.80
C ARG A 167 5.63 15.59 5.06
N GLN A 168 5.81 16.63 4.26
CA GLN A 168 6.95 17.52 4.47
C GLN A 168 6.82 18.17 5.85
N LYS A 169 5.60 18.54 6.20
CA LYS A 169 5.36 19.19 7.50
C LYS A 169 5.68 18.27 8.68
N VAL A 170 5.13 17.05 8.68
CA VAL A 170 5.37 16.12 9.78
C VAL A 170 6.84 15.70 9.86
N ALA A 171 7.51 15.61 8.71
CA ALA A 171 8.93 15.24 8.72
C ALA A 171 9.71 16.36 9.41
N ALA A 172 9.27 17.60 9.20
CA ALA A 172 9.93 18.73 9.84
C ALA A 172 9.73 18.65 11.36
N TRP A 173 8.55 18.22 11.78
CA TRP A 173 8.28 18.09 13.22
C TRP A 173 9.18 17.01 13.81
N LEU A 174 9.32 15.90 13.09
CA LEU A 174 10.15 14.79 13.55
C LEU A 174 11.63 15.14 13.61
N GLU A 175 12.08 16.07 12.78
CA GLU A 175 13.49 16.43 12.80
C GLU A 175 13.77 17.46 13.90
N GLU A 176 12.74 18.18 14.31
CA GLU A 176 12.91 19.22 15.33
C GLU A 176 12.35 18.95 16.71
N GLU A 177 11.42 18.02 16.83
CA GLU A 177 10.82 17.76 18.13
C GLU A 177 10.89 16.31 18.57
N ASN A 178 10.67 16.07 19.86
CA ASN A 178 10.72 14.72 20.39
C ASN A 178 9.55 13.90 19.85
N LEU A 179 9.79 12.61 19.62
CA LEU A 179 8.79 11.74 19.05
C LEU A 179 7.43 11.70 19.76
N ALA A 180 7.42 11.71 21.09
CA ALA A 180 6.16 11.67 21.83
C ALA A 180 5.27 12.86 21.47
N THR A 181 5.88 14.06 21.47
CA THR A 181 5.17 15.28 21.13
C THR A 181 4.58 15.16 19.72
N VAL A 182 5.38 14.69 18.77
CA VAL A 182 4.91 14.52 17.40
C VAL A 182 3.76 13.51 17.29
N LEU A 183 3.89 12.38 17.99
CA LEU A 183 2.87 11.35 17.96
C LEU A 183 1.53 11.79 18.55
N GLU A 184 1.59 12.66 19.55
CA GLU A 184 0.38 13.12 20.21
C GLU A 184 -0.41 14.19 19.45
N ARG A 185 0.19 14.76 18.42
CA ARG A 185 -0.52 15.79 17.65
C ARG A 185 -1.43 15.18 16.61
N ASP A 186 -2.42 15.96 16.19
CA ASP A 186 -3.32 15.52 15.15
C ASP A 186 -2.55 15.81 13.87
N TRP A 187 -2.23 14.76 13.12
CA TRP A 187 -1.48 14.92 11.88
C TRP A 187 -2.32 15.43 10.72
N GLY A 188 -3.61 15.21 10.78
CA GLY A 188 -4.48 15.69 9.71
C GLY A 188 -4.75 14.68 8.61
N PHE A 189 -4.66 13.39 8.92
CA PHE A 189 -4.95 12.36 7.93
C PHE A 189 -6.25 11.73 8.37
N SER A 190 -6.81 10.88 7.51
CA SER A 190 -8.04 10.18 7.82
C SER A 190 -8.02 8.81 7.18
N ILE A 191 -8.40 7.79 7.95
CA ILE A 191 -8.45 6.42 7.46
C ILE A 191 -9.80 5.88 7.90
N SER A 192 -10.65 5.53 6.95
CA SER A 192 -11.96 5.01 7.30
C SER A 192 -12.40 3.90 6.37
N GLN A 193 -13.14 2.96 6.94
CA GLN A 193 -13.62 1.80 6.20
C GLN A 193 -14.68 2.16 5.16
N VAL A 194 -14.60 1.47 4.03
CA VAL A 194 -15.59 1.62 2.96
C VAL A 194 -16.16 0.22 2.79
N LYS A 195 -17.46 0.07 2.97
CA LYS A 195 -18.08 -1.24 2.84
C LYS A 195 -19.02 -1.24 1.64
N PRO A 196 -18.64 -1.93 0.55
CA PRO A 196 -19.48 -1.99 -0.66
C PRO A 196 -20.78 -2.71 -0.30
N THR A 197 -21.89 -2.31 -0.89
CA THR A 197 -23.17 -2.96 -0.58
C THR A 197 -23.75 -3.79 -1.73
N LEU A 198 -22.91 -4.21 -2.64
CA LEU A 198 -23.37 -5.05 -3.74
C LEU A 198 -22.35 -6.15 -3.93
N GLU A 199 -22.79 -7.27 -4.47
CA GLU A 199 -21.91 -8.41 -4.71
C GLU A 199 -21.04 -8.12 -5.93
N CYS A 200 -19.80 -8.58 -5.90
CA CYS A 200 -18.91 -8.40 -7.04
C CYS A 200 -17.60 -9.13 -6.83
N ASP A 201 -17.00 -9.55 -7.93
CA ASP A 201 -15.75 -10.25 -7.90
C ASP A 201 -14.64 -9.24 -8.12
N PHE A 202 -13.62 -9.29 -7.28
CA PHE A 202 -12.47 -8.42 -7.36
C PHE A 202 -11.32 -9.28 -7.85
N LEU A 203 -10.76 -8.90 -8.99
CA LEU A 203 -9.66 -9.65 -9.60
C LEU A 203 -8.38 -8.82 -9.71
N VAL A 204 -7.24 -9.48 -9.53
CA VAL A 204 -5.94 -8.83 -9.62
C VAL A 204 -5.13 -9.49 -10.74
N GLY A 205 -4.78 -8.70 -11.75
CA GLY A 205 -4.01 -9.23 -12.86
C GLY A 205 -2.58 -8.74 -12.79
N TRP A 206 -1.63 -9.66 -12.65
CA TRP A 206 -0.22 -9.29 -12.58
C TRP A 206 0.42 -9.35 -13.96
N THR A 207 1.05 -8.26 -14.36
CA THR A 207 1.69 -8.19 -15.67
C THR A 207 3.12 -8.71 -15.68
N LYS A 208 3.63 -9.07 -14.50
CA LYS A 208 4.99 -9.58 -14.37
C LYS A 208 6.10 -8.67 -14.87
N GLU A 209 5.86 -7.36 -14.89
CA GLU A 209 6.86 -6.38 -15.31
C GLU A 209 7.03 -5.46 -14.11
N VAL A 210 8.16 -5.56 -13.44
CA VAL A 210 8.43 -4.78 -12.23
C VAL A 210 8.49 -3.26 -12.41
N ALA A 211 7.73 -2.54 -11.58
CA ALA A 211 7.71 -1.09 -11.64
C ALA A 211 8.12 -0.51 -10.28
N VAL A 212 9.17 0.30 -10.28
CA VAL A 212 9.67 0.93 -9.06
C VAL A 212 8.86 2.18 -8.72
N SER A 213 8.13 2.12 -7.62
CA SER A 213 7.28 3.23 -7.18
C SER A 213 7.95 4.59 -7.07
N SER A 214 9.09 4.65 -6.40
CA SER A 214 9.79 5.92 -6.25
C SER A 214 10.23 6.50 -7.59
N HIS A 215 10.57 5.62 -8.53
CA HIS A 215 11.00 6.08 -9.87
C HIS A 215 9.82 6.66 -10.64
N MET A 216 8.68 5.99 -10.57
CA MET A 216 7.49 6.46 -11.27
C MET A 216 7.08 7.81 -10.69
N VAL A 217 7.04 7.90 -9.37
CA VAL A 217 6.64 9.14 -8.71
C VAL A 217 7.60 10.28 -9.05
N GLN A 218 8.90 10.01 -8.94
CA GLN A 218 9.90 11.03 -9.23
C GLN A 218 9.75 11.65 -10.62
N GLN A 219 9.40 10.83 -11.60
CA GLN A 219 9.26 11.31 -12.98
C GLN A 219 7.90 11.88 -13.35
N ILE A 220 6.85 11.39 -12.71
CA ILE A 220 5.49 11.81 -13.03
C ILE A 220 4.91 12.92 -12.15
N LYS A 221 5.45 13.10 -10.95
CA LYS A 221 4.91 14.12 -10.05
C LYS A 221 4.85 15.52 -10.66
N GLN A 222 5.81 15.87 -11.50
CA GLN A 222 5.82 17.19 -12.12
C GLN A 222 4.64 17.42 -13.08
N ASN A 223 4.05 16.33 -13.56
CA ASN A 223 2.90 16.41 -14.47
C ASN A 223 1.59 16.71 -13.75
N ILE A 224 1.60 16.60 -12.43
CA ILE A 224 0.40 16.83 -11.63
C ILE A 224 -0.05 18.28 -11.64
N ASN A 225 -1.28 18.54 -12.08
CA ASN A 225 -1.81 19.90 -12.08
C ASN A 225 -3.14 19.91 -11.32
N GLN A 226 -3.66 21.10 -11.02
CA GLN A 226 -4.88 21.21 -10.24
C GLN A 226 -6.12 20.56 -10.85
N ASN A 227 -6.26 20.63 -12.16
CA ASN A 227 -7.42 20.01 -12.81
C ASN A 227 -7.45 18.53 -12.45
N PHE A 228 -6.28 17.89 -12.50
CA PHE A 228 -6.16 16.47 -12.17
C PHE A 228 -6.51 16.21 -10.70
N LEU A 229 -5.96 17.01 -9.81
CA LEU A 229 -6.21 16.86 -8.38
C LEU A 229 -7.70 16.97 -8.04
N THR A 230 -8.34 18.02 -8.55
CA THR A 230 -9.76 18.23 -8.29
C THR A 230 -10.58 17.07 -8.85
N SER A 231 -10.34 16.72 -10.10
CA SER A 231 -11.08 15.63 -10.74
C SER A 231 -10.88 14.31 -10.03
N SER A 232 -9.64 14.02 -9.62
CA SER A 232 -9.36 12.77 -8.93
C SER A 232 -10.13 12.69 -7.60
N LYS A 233 -10.08 13.75 -6.81
CA LYS A 233 -10.77 13.78 -5.53
C LYS A 233 -12.27 13.54 -5.71
N GLU A 234 -12.89 14.21 -6.67
CA GLU A 234 -14.32 14.02 -6.94
C GLU A 234 -14.61 12.59 -7.35
N THR A 235 -13.72 12.02 -8.16
CA THR A 235 -13.89 10.66 -8.64
C THR A 235 -13.78 9.64 -7.51
N VAL A 236 -12.85 9.87 -6.58
CA VAL A 236 -12.73 8.95 -5.45
C VAL A 236 -14.00 9.02 -4.60
N VAL A 237 -14.49 10.24 -4.33
CA VAL A 237 -15.71 10.39 -3.55
C VAL A 237 -16.88 9.71 -4.26
N SER A 238 -17.05 9.98 -5.55
CA SER A 238 -18.15 9.36 -6.30
C SER A 238 -18.05 7.83 -6.37
N LEU A 239 -16.83 7.31 -6.46
CA LEU A 239 -16.63 5.87 -6.51
C LEU A 239 -16.99 5.24 -5.16
N VAL A 240 -16.60 5.91 -4.08
CA VAL A 240 -16.91 5.41 -2.75
C VAL A 240 -18.43 5.41 -2.56
N GLU A 241 -19.07 6.50 -2.97
CA GLU A 241 -20.52 6.58 -2.85
C GLU A 241 -21.20 5.49 -3.70
N ALA A 242 -20.67 5.21 -4.89
CA ALA A 242 -21.24 4.19 -5.76
C ALA A 242 -21.14 2.79 -5.13
N LEU A 243 -20.02 2.53 -4.46
CA LEU A 243 -19.79 1.25 -3.80
C LEU A 243 -20.71 1.11 -2.60
N GLU A 244 -20.83 2.18 -1.83
CA GLU A 244 -21.69 2.17 -0.64
C GLU A 244 -23.17 2.15 -0.99
N GLN A 245 -23.53 2.68 -2.15
CA GLN A 245 -24.91 2.68 -2.59
C GLN A 245 -25.23 1.42 -3.40
N GLY A 246 -24.17 0.67 -3.74
CA GLY A 246 -24.33 -0.56 -4.49
C GLY A 246 -24.81 -0.41 -5.91
N LYS A 247 -24.28 0.58 -6.63
CA LYS A 247 -24.67 0.80 -8.02
C LYS A 247 -23.55 0.42 -8.98
N SER A 248 -23.68 -0.75 -9.58
CA SER A 248 -22.68 -1.26 -10.51
C SER A 248 -22.34 -0.29 -11.65
N GLU A 249 -23.37 0.24 -12.30
CA GLU A 249 -23.14 1.14 -13.41
C GLU A 249 -22.37 2.41 -13.04
N LYS A 250 -22.59 2.93 -11.85
CA LYS A 250 -21.88 4.13 -11.44
C LYS A 250 -20.44 3.77 -11.07
N ILE A 251 -20.23 2.56 -10.57
CA ILE A 251 -18.89 2.09 -10.21
C ILE A 251 -18.07 1.97 -11.49
N ILE A 252 -18.68 1.36 -12.51
CA ILE A 252 -18.00 1.20 -13.79
C ILE A 252 -17.65 2.59 -14.33
N GLU A 253 -18.57 3.53 -14.22
CA GLU A 253 -18.34 4.88 -14.69
C GLU A 253 -17.16 5.56 -14.01
N GLN A 254 -17.16 5.56 -12.68
CA GLN A 254 -16.09 6.22 -11.94
C GLN A 254 -14.73 5.55 -12.08
N VAL A 255 -14.69 4.23 -12.16
CA VAL A 255 -13.40 3.58 -12.34
C VAL A 255 -12.87 4.00 -13.71
N GLU A 256 -13.75 4.14 -14.70
CA GLU A 256 -13.30 4.55 -16.02
C GLU A 256 -12.80 5.98 -16.01
N VAL A 257 -13.44 6.84 -15.21
CA VAL A 257 -12.98 8.23 -15.11
C VAL A 257 -11.59 8.24 -14.46
N ALA A 258 -11.44 7.47 -13.38
CA ALA A 258 -10.17 7.37 -12.67
C ALA A 258 -9.07 6.93 -13.64
N SER A 259 -9.36 5.90 -14.44
CA SER A 259 -8.38 5.41 -15.39
C SER A 259 -7.99 6.47 -16.42
N LYS A 260 -8.98 7.18 -16.97
CA LYS A 260 -8.72 8.22 -17.95
C LYS A 260 -7.89 9.35 -17.39
N LEU A 261 -8.09 9.66 -16.10
CA LEU A 261 -7.33 10.72 -15.47
C LEU A 261 -5.87 10.29 -15.39
N LEU A 262 -5.63 9.01 -15.09
CA LEU A 262 -4.27 8.50 -15.01
C LEU A 262 -3.60 8.51 -16.38
N GLU A 263 -4.35 8.11 -17.40
CA GLU A 263 -3.83 8.07 -18.75
C GLU A 263 -3.46 9.47 -19.21
N GLY A 264 -4.24 10.46 -18.78
CA GLY A 264 -3.96 11.83 -19.15
C GLY A 264 -2.76 12.40 -18.40
N LEU A 265 -2.55 11.92 -17.18
CA LEU A 265 -1.44 12.37 -16.36
C LEU A 265 -0.10 11.99 -16.96
N SER A 266 0.03 10.75 -17.41
CA SER A 266 1.28 10.29 -17.99
C SER A 266 1.13 9.06 -18.85
N THR A 267 1.82 9.06 -19.98
CA THR A 267 1.79 7.93 -20.90
C THR A 267 2.61 6.77 -20.35
N ASP A 268 3.34 7.01 -19.26
CA ASP A 268 4.17 5.98 -18.64
C ASP A 268 3.40 5.07 -17.69
N ILE A 269 2.21 5.50 -17.28
CA ILE A 269 1.41 4.70 -16.35
C ILE A 269 0.87 3.44 -17.01
N TYR A 270 0.31 3.58 -18.20
CA TYR A 270 -0.21 2.42 -18.91
C TYR A 270 0.77 1.78 -19.87
N THR A 271 1.23 0.59 -19.51
CA THR A 271 2.13 -0.18 -20.37
C THR A 271 1.17 -0.90 -21.30
N PRO A 272 1.66 -1.42 -22.44
CA PRO A 272 0.78 -2.14 -23.36
C PRO A 272 -0.01 -3.26 -22.67
N LEU A 273 0.62 -3.98 -21.75
CA LEU A 273 -0.08 -5.06 -21.06
C LEU A 273 -1.11 -4.54 -20.05
N LEU A 274 -0.82 -3.42 -19.39
CA LEU A 274 -1.79 -2.88 -18.43
C LEU A 274 -2.99 -2.37 -19.22
N ARG A 275 -2.72 -1.85 -20.41
CA ARG A 275 -3.77 -1.32 -21.26
C ARG A 275 -4.63 -2.46 -21.75
N GLN A 276 -4.00 -3.57 -22.17
CA GLN A 276 -4.74 -4.75 -22.62
C GLN A 276 -5.57 -5.32 -21.47
N LEU A 277 -5.03 -5.23 -20.26
CA LEU A 277 -5.73 -5.74 -19.09
C LEU A 277 -7.06 -5.02 -18.89
N LYS A 278 -7.09 -3.70 -19.05
CA LYS A 278 -8.36 -2.99 -18.87
C LYS A 278 -9.26 -3.05 -20.10
N GLU A 279 -8.68 -3.24 -21.28
CA GLU A 279 -9.48 -3.32 -22.50
C GLU A 279 -10.31 -4.60 -22.52
N ALA A 280 -9.81 -5.63 -21.86
CA ALA A 280 -10.49 -6.93 -21.80
C ALA A 280 -11.87 -6.86 -21.12
N SER A 281 -12.17 -5.74 -20.48
CA SER A 281 -13.44 -5.59 -19.77
C SER A 281 -14.42 -4.58 -20.38
N GLN A 282 -14.01 -3.97 -21.49
CA GLN A 282 -14.82 -2.94 -22.15
C GLN A 282 -16.25 -3.29 -22.54
N ASP A 283 -16.52 -4.56 -22.84
CA ASP A 283 -17.88 -4.95 -23.22
C ASP A 283 -18.57 -5.80 -22.15
N LEU A 284 -18.03 -5.79 -20.94
CA LEU A 284 -18.60 -6.58 -19.85
C LEU A 284 -19.24 -5.76 -18.72
N GLN A 285 -19.99 -6.45 -17.86
CA GLN A 285 -20.58 -5.81 -16.70
C GLN A 285 -19.47 -5.93 -15.68
N ALA A 286 -18.37 -5.28 -16.01
CA ALA A 286 -17.16 -5.28 -15.18
C ALA A 286 -16.33 -4.10 -15.64
N VAL A 287 -15.30 -3.76 -14.87
CA VAL A 287 -14.43 -2.65 -15.23
C VAL A 287 -13.04 -2.87 -14.67
N ALA A 288 -12.02 -2.36 -15.36
CA ALA A 288 -10.67 -2.55 -14.90
C ALA A 288 -9.80 -1.33 -15.12
N LYS A 289 -8.66 -1.29 -14.43
CA LYS A 289 -7.71 -0.19 -14.56
C LYS A 289 -6.39 -0.56 -13.91
N SER A 290 -5.37 0.22 -14.22
CA SER A 290 -4.05 0.04 -13.64
C SER A 290 -4.21 0.30 -12.13
N SER A 291 -3.34 -0.29 -11.33
CA SER A 291 -3.39 -0.09 -9.88
C SER A 291 -2.02 0.33 -9.35
N GLY A 292 -1.98 1.48 -8.70
CA GLY A 292 -0.72 1.96 -8.15
C GLY A 292 -0.03 2.96 -9.06
N ALA A 293 1.29 2.94 -9.07
CA ALA A 293 2.06 3.86 -9.88
C ALA A 293 1.97 3.51 -11.37
N GLY A 294 1.48 2.30 -11.67
CA GLY A 294 1.40 1.85 -13.05
C GLY A 294 2.83 1.55 -13.50
N GLY A 295 3.07 1.46 -14.81
CA GLY A 295 4.42 1.19 -15.31
C GLY A 295 4.82 -0.26 -15.18
N GLY A 296 3.85 -1.07 -14.77
CA GLY A 296 4.08 -2.49 -14.58
C GLY A 296 3.20 -2.96 -13.44
N ASP A 297 3.68 -3.96 -12.70
CA ASP A 297 2.93 -4.51 -11.57
C ASP A 297 1.53 -5.00 -11.95
N CYS A 298 0.54 -4.66 -11.13
CA CYS A 298 -0.82 -5.14 -11.36
C CYS A 298 -1.88 -4.16 -11.81
N GLY A 299 -2.98 -4.76 -12.29
CA GLY A 299 -4.15 -4.01 -12.71
C GLY A 299 -5.22 -4.66 -11.84
N ILE A 300 -6.34 -3.97 -11.64
CA ILE A 300 -7.42 -4.52 -10.84
C ILE A 300 -8.73 -4.47 -11.61
N ALA A 301 -9.66 -5.33 -11.25
CA ALA A 301 -10.96 -5.36 -11.90
C ALA A 301 -12.07 -5.65 -10.90
N LEU A 302 -13.25 -5.13 -11.19
CA LEU A 302 -14.43 -5.38 -10.39
C LEU A 302 -15.47 -5.87 -11.40
N SER A 303 -15.97 -7.08 -11.19
CA SER A 303 -16.95 -7.70 -12.08
C SER A 303 -18.30 -7.88 -11.38
N PHE A 304 -19.38 -7.55 -12.08
CA PHE A 304 -20.70 -7.62 -11.47
C PHE A 304 -21.64 -8.78 -11.74
N ASP A 305 -21.20 -9.75 -12.55
CA ASP A 305 -21.98 -10.96 -12.75
C ASP A 305 -21.08 -12.11 -13.16
N ALA A 306 -21.55 -13.33 -12.91
CA ALA A 306 -20.77 -14.54 -13.20
C ALA A 306 -20.20 -14.61 -14.61
N GLN A 307 -21.02 -14.29 -15.61
CA GLN A 307 -20.56 -14.36 -16.99
C GLN A 307 -19.42 -13.40 -17.28
N SER A 308 -19.53 -12.17 -16.77
CA SER A 308 -18.48 -11.18 -17.00
C SER A 308 -17.18 -11.65 -16.38
N THR A 309 -17.25 -12.23 -15.20
CA THR A 309 -16.03 -12.69 -14.52
C THR A 309 -15.39 -13.82 -15.31
N LYS A 310 -16.20 -14.75 -15.82
CA LYS A 310 -15.66 -15.85 -16.58
C LYS A 310 -14.96 -15.37 -17.84
N THR A 311 -15.63 -14.51 -18.60
CA THR A 311 -15.04 -13.99 -19.84
C THR A 311 -13.78 -13.17 -19.55
N LEU A 312 -13.83 -12.32 -18.53
CA LEU A 312 -12.67 -11.50 -18.19
C LEU A 312 -11.48 -12.39 -17.85
N LYS A 313 -11.72 -13.44 -17.07
CA LYS A 313 -10.65 -14.36 -16.71
C LYS A 313 -10.05 -15.04 -17.95
N ASN A 314 -10.92 -15.46 -18.86
CA ASN A 314 -10.45 -16.13 -20.07
C ASN A 314 -9.59 -15.19 -20.89
N ARG A 315 -10.02 -13.94 -21.02
CA ARG A 315 -9.26 -12.95 -21.79
C ARG A 315 -7.91 -12.67 -21.16
N TRP A 316 -7.89 -12.48 -19.84
CA TRP A 316 -6.62 -12.23 -19.15
C TRP A 316 -5.71 -13.44 -19.33
N ALA A 317 -6.31 -14.63 -19.28
CA ALA A 317 -5.56 -15.87 -19.43
C ALA A 317 -4.83 -15.86 -20.78
N ASP A 318 -5.57 -15.57 -21.85
CA ASP A 318 -5.00 -15.54 -23.20
C ASP A 318 -4.03 -14.39 -23.41
N LEU A 319 -4.12 -13.36 -22.56
CA LEU A 319 -3.28 -12.19 -22.69
C LEU A 319 -1.91 -12.31 -22.01
N GLY A 320 -1.69 -13.40 -21.30
CA GLY A 320 -0.40 -13.56 -20.63
C GLY A 320 -0.41 -12.91 -19.26
N ILE A 321 -1.58 -12.46 -18.81
CA ILE A 321 -1.74 -11.83 -17.51
C ILE A 321 -1.99 -12.90 -16.45
N GLU A 322 -1.26 -12.84 -15.33
CA GLU A 322 -1.44 -13.82 -14.27
C GLU A 322 -2.49 -13.37 -13.26
N LEU A 323 -3.48 -14.22 -13.01
CA LEU A 323 -4.50 -13.90 -12.03
C LEU A 323 -3.84 -14.15 -10.68
N LEU A 324 -3.35 -13.07 -10.07
CA LEU A 324 -2.64 -13.15 -8.80
C LEU A 324 -3.53 -13.37 -7.59
N TYR A 325 -4.71 -12.76 -7.60
CA TYR A 325 -5.62 -12.85 -6.48
C TYR A 325 -7.05 -12.61 -6.93
N GLN A 326 -8.00 -13.23 -6.25
CA GLN A 326 -9.40 -13.05 -6.55
C GLN A 326 -10.21 -13.11 -5.26
N GLU A 327 -11.28 -12.34 -5.20
CA GLU A 327 -12.07 -12.27 -3.99
C GLU A 327 -13.50 -11.88 -4.30
N ARG A 328 -14.44 -12.40 -3.53
CA ARG A 328 -15.85 -12.04 -3.67
C ARG A 328 -16.02 -10.94 -2.64
N ILE A 329 -16.21 -9.70 -3.09
CA ILE A 329 -16.37 -8.59 -2.16
C ILE A 329 -17.56 -8.82 -1.24
OP2 PMV B . 2.55 1.28 -7.09
P PMV B . 1.81 1.34 -5.68
OP3 PMV B . 2.96 1.57 -4.57
OP1 PMV B . 0.94 0.18 -5.40
O5 PMV B . 0.94 2.69 -5.70
C5 PMV B . 1.57 3.97 -5.86
C4 PMV B . 0.63 4.96 -5.60
C3 PMV B . 1.14 6.38 -5.88
O3A PMV B . 0.06 7.26 -5.59
C3A PMV B . 1.57 6.54 -7.34
C2 PMV B . 2.33 6.70 -4.98
C1 PMV B . 1.93 6.86 -3.51
O2 PMV B . 0.82 7.31 -3.23
O1 PMV B . 2.70 6.54 -2.62
PG ANP C . 5.00 -1.41 -4.72
O1G ANP C . 4.42 -1.40 -6.08
O2G ANP C . 5.31 -2.91 -4.20
O3G ANP C . 3.98 -0.78 -3.64
PB ANP C . 7.32 -1.06 -3.35
O1B ANP C . 8.20 0.05 -2.95
O2B ANP C . 6.45 -1.70 -2.34
N3B ANP C . 6.39 -0.59 -4.61
PA ANP C . 9.27 -3.08 -3.09
O1A ANP C . 8.51 -4.16 -2.42
O2A ANP C . 10.43 -3.43 -3.95
O3A ANP C . 8.26 -2.20 -3.99
O5' ANP C . 9.82 -2.06 -1.95
C5' ANP C . 11.07 -1.42 -2.18
C4' ANP C . 12.08 -1.69 -1.09
O4' ANP C . 11.48 -2.01 0.19
C3' ANP C . 13.02 -2.84 -1.33
O3' ANP C . 13.96 -2.53 -2.35
C2' ANP C . 13.62 -2.95 0.07
O2' ANP C . 14.40 -1.79 0.35
C1' ANP C . 12.36 -2.85 0.92
N9 ANP C . 11.71 -4.16 1.12
C8 ANP C . 10.59 -4.55 0.52
N7 ANP C . 10.30 -5.80 0.87
C5 ANP C . 11.25 -6.20 1.70
C6 ANP C . 11.47 -7.38 2.38
N6 ANP C . 10.58 -8.37 2.20
N1 ANP C . 12.53 -7.50 3.18
C2 ANP C . 13.38 -6.50 3.33
N3 ANP C . 13.21 -5.35 2.68
C4 ANP C . 12.17 -5.17 1.88
MG MG D . 3.43 -0.57 -7.94
#